data_7EUK
#
_entry.id   7EUK
#
_cell.length_a   46.392
_cell.length_b   46.963
_cell.length_c   59.317
_cell.angle_alpha   83.530
_cell.angle_beta   84.710
_cell.angle_gamma   70.140
#
_symmetry.space_group_name_H-M   'P 1'
#
loop_
_entity.id
_entity.type
_entity.pdbx_description
1 polymer 'N(omega)-hydroxy-L-arginine amidinohydrolase'
2 non-polymer 'MANGANESE (II) ION'
3 non-polymer 'MAGNESIUM ION'
4 non-polymer L-ornithine
5 water water
#
_entity_poly.entity_id   1
_entity_poly.type   'polypeptide(L)'
_entity_poly.pdbx_seq_one_letter_code
;MIDLIVSQGRVADRAAWMIEGAARTARALEERYGLKGHYVGEPAPHADDDWSVALPQARETLVAVREAATESIKGDNLTV
LVNNTCSVSLATLPVVAREHPDAVVLYIDGHGDFNTPETTDTGYLGGMVLSGACGLWDSGHGAGLRPEQAVLVGSRDIDE
GERELIRKAGVRVIPPGEATAQAVLDAVKDAPVWIHIDWDVLEPGSIPADYTVPDGMLPAQIRAVFEAIPAERLIGVELA
ELNAPADSERAEQAVAVILDMVAPAFDAAAARPLEHHHHHH
;
_entity_poly.pdbx_strand_id   A,B
#
loop_
_chem_comp.id
_chem_comp.type
_chem_comp.name
_chem_comp.formula
MG non-polymer 'MAGNESIUM ION' 'Mg 2'
MN non-polymer 'MANGANESE (II) ION' 'Mn 2'
#
# COMPACT_ATOMS: atom_id res chain seq x y z
N MET A 1 -32.69 6.88 15.75
CA MET A 1 -31.65 7.62 16.48
C MET A 1 -30.27 7.57 15.82
N ILE A 2 -30.16 6.90 14.67
CA ILE A 2 -28.98 6.99 13.80
C ILE A 2 -29.38 7.74 12.53
N ASP A 3 -28.57 8.71 12.13
CA ASP A 3 -28.71 9.33 10.81
C ASP A 3 -27.61 8.77 9.93
N LEU A 4 -28.00 8.15 8.82
CA LEU A 4 -27.05 7.55 7.88
C LEU A 4 -26.94 8.43 6.66
N ILE A 5 -25.72 8.92 6.39
CA ILE A 5 -25.42 9.74 5.21
C ILE A 5 -24.32 9.03 4.44
N VAL A 6 -24.45 8.96 3.12
CA VAL A 6 -23.57 8.16 2.28
C VAL A 6 -23.06 9.00 1.13
N SER A 7 -21.74 9.13 1.03
CA SER A 7 -21.16 9.82 -0.11
C SER A 7 -21.03 8.86 -1.28
N GLN A 8 -21.56 9.26 -2.44
CA GLN A 8 -21.41 8.52 -3.68
C GLN A 8 -20.80 9.37 -4.79
N GLY A 9 -20.36 10.58 -4.48
CA GLY A 9 -19.68 11.42 -5.44
C GLY A 9 -18.17 11.26 -5.32
N ARG A 10 -17.47 11.37 -6.43
CA ARG A 10 -16.01 11.26 -6.39
C ARG A 10 -15.43 12.39 -5.56
N VAL A 11 -14.56 12.04 -4.63
CA VAL A 11 -13.75 13.04 -3.94
C VAL A 11 -12.31 12.57 -4.02
N ALA A 12 -11.68 12.87 -5.16
CA ALA A 12 -10.28 12.56 -5.45
C ALA A 12 -9.92 11.08 -5.56
N ASP A 13 -10.91 10.16 -5.60
CA ASP A 13 -10.64 8.73 -5.52
C ASP A 13 -9.58 8.31 -6.54
N ARG A 14 -8.56 7.62 -6.05
CA ARG A 14 -7.58 6.96 -6.90
C ARG A 14 -7.77 5.44 -6.94
N ALA A 15 -8.69 4.90 -6.14
CA ALA A 15 -8.99 3.49 -6.12
C ALA A 15 -10.32 3.25 -6.82
N ALA A 16 -10.47 2.07 -7.41
CA ALA A 16 -11.60 1.82 -8.29
C ALA A 16 -12.92 1.58 -7.56
N TRP A 17 -12.89 1.01 -6.35
CA TRP A 17 -14.10 0.42 -5.76
C TRP A 17 -14.48 1.04 -4.43
N MET A 18 -14.02 2.27 -4.15
CA MET A 18 -14.37 2.88 -2.86
C MET A 18 -15.77 3.46 -2.84
N ILE A 19 -16.27 3.96 -3.97
CA ILE A 19 -17.67 4.34 -4.02
C ILE A 19 -18.56 3.11 -3.86
N GLU A 20 -18.20 2.00 -4.53
CA GLU A 20 -18.95 0.76 -4.39
C GLU A 20 -18.87 0.21 -2.98
N GLY A 21 -17.68 0.30 -2.34
CA GLY A 21 -17.55 -0.20 -0.98
C GLY A 21 -18.40 0.58 0.00
N ALA A 22 -18.49 1.90 -0.20
CA ALA A 22 -19.36 2.71 0.63
C ALA A 22 -20.82 2.31 0.46
N ALA A 23 -21.24 2.10 -0.80
CA ALA A 23 -22.62 1.71 -1.04
C ALA A 23 -22.94 0.38 -0.37
N ARG A 24 -22.03 -0.59 -0.45
CA ARG A 24 -22.27 -1.89 0.16
C ARG A 24 -22.28 -1.81 1.68
N THR A 25 -21.41 -0.97 2.26
CA THR A 25 -21.44 -0.78 3.71
C THR A 25 -22.76 -0.17 4.14
N ALA A 26 -23.19 0.86 3.43
CA ALA A 26 -24.46 1.51 3.74
C ALA A 26 -25.62 0.53 3.68
N ARG A 27 -25.64 -0.32 2.65
CA ARG A 27 -26.71 -1.32 2.51
C ARG A 27 -26.74 -2.26 3.72
N ALA A 28 -25.57 -2.71 4.16
CA ALA A 28 -25.51 -3.60 5.32
C ALA A 28 -26.05 -2.90 6.56
N LEU A 29 -25.75 -1.61 6.73
CA LEU A 29 -26.25 -0.88 7.90
C LEU A 29 -27.76 -0.64 7.81
N GLU A 30 -28.25 -0.34 6.60
CA GLU A 30 -29.69 -0.18 6.39
C GLU A 30 -30.45 -1.46 6.77
N GLU A 31 -29.94 -2.61 6.32
CA GLU A 31 -30.62 -3.87 6.60
C GLU A 31 -30.57 -4.20 8.09
N ARG A 32 -29.41 -3.98 8.72
CA ARG A 32 -29.28 -4.36 10.12
C ARG A 32 -30.11 -3.46 11.04
N TYR A 33 -30.12 -2.15 10.78
CA TYR A 33 -30.69 -1.20 11.71
C TYR A 33 -32.04 -0.66 11.27
N GLY A 34 -32.56 -1.09 10.13
CA GLY A 34 -33.84 -0.58 9.67
C GLY A 34 -33.79 0.88 9.26
N LEU A 35 -32.69 1.31 8.66
CA LEU A 35 -32.47 2.70 8.27
C LEU A 35 -32.56 2.84 6.76
N LYS A 36 -32.70 4.11 6.35
CA LYS A 36 -32.63 4.50 4.94
C LYS A 36 -31.58 5.59 4.82
N GLY A 37 -30.52 5.31 4.08
CA GLY A 37 -29.46 6.28 3.95
C GLY A 37 -29.87 7.46 3.08
N HIS A 38 -29.27 8.60 3.38
CA HIS A 38 -29.33 9.77 2.52
C HIS A 38 -28.07 9.76 1.65
N TYR A 39 -28.25 9.45 0.37
CA TYR A 39 -27.15 9.31 -0.57
C TYR A 39 -26.89 10.62 -1.29
N VAL A 40 -25.63 11.03 -1.33
CA VAL A 40 -25.24 12.34 -1.83
C VAL A 40 -24.12 12.18 -2.86
N GLY A 41 -24.26 12.82 -4.01
CA GLY A 41 -23.20 12.86 -4.99
C GLY A 41 -23.39 11.85 -6.09
N GLU A 42 -22.74 12.14 -7.23
CA GLU A 42 -22.83 11.30 -8.41
C GLU A 42 -21.50 10.61 -8.67
N PRO A 43 -21.49 9.28 -8.86
CA PRO A 43 -20.23 8.59 -9.10
C PRO A 43 -19.52 9.08 -10.37
N ALA A 44 -18.19 9.05 -10.32
CA ALA A 44 -17.34 9.34 -11.47
C ALA A 44 -16.11 8.47 -11.36
N PRO A 45 -15.45 8.14 -12.49
CA PRO A 45 -14.32 7.21 -12.43
C PRO A 45 -13.13 7.75 -11.66
N HIS A 46 -12.34 6.83 -11.12
CA HIS A 46 -11.13 7.20 -10.40
C HIS A 46 -10.08 7.71 -11.36
N ALA A 47 -9.16 8.52 -10.83
CA ALA A 47 -8.11 9.10 -11.66
C ALA A 47 -6.96 9.53 -10.76
N ASP A 48 -5.79 9.70 -11.36
CA ASP A 48 -4.60 10.11 -10.62
C ASP A 48 -4.31 11.60 -10.78
N ASP A 49 -5.34 12.41 -10.55
CA ASP A 49 -5.20 13.84 -10.72
C ASP A 49 -4.62 14.50 -9.49
N ASP A 50 -3.98 15.65 -9.70
CA ASP A 50 -3.45 16.43 -8.60
C ASP A 50 -4.58 16.93 -7.72
N TRP A 51 -4.29 17.09 -6.42
CA TRP A 51 -5.28 17.64 -5.50
C TRP A 51 -5.86 18.96 -5.99
N SER A 52 -5.05 19.75 -6.71
CA SER A 52 -5.49 21.08 -7.14
C SER A 52 -6.54 20.99 -8.23
N VAL A 53 -6.66 19.83 -8.87
CA VAL A 53 -7.71 19.56 -9.85
C VAL A 53 -8.85 18.75 -9.24
N ALA A 54 -8.52 17.72 -8.46
CA ALA A 54 -9.54 16.88 -7.87
C ALA A 54 -10.40 17.64 -6.87
N LEU A 55 -9.79 18.56 -6.12
CA LEU A 55 -10.52 19.30 -5.10
C LEU A 55 -11.65 20.15 -5.67
N PRO A 56 -11.43 21.04 -6.65
CA PRO A 56 -12.58 21.74 -7.26
C PRO A 56 -13.59 20.82 -7.90
N GLN A 57 -13.15 19.70 -8.50
CA GLN A 57 -14.09 18.75 -9.08
C GLN A 57 -15.10 18.26 -8.04
N ALA A 58 -14.64 18.11 -6.79
CA ALA A 58 -15.45 17.53 -5.73
C ALA A 58 -16.31 18.54 -4.98
N ARG A 59 -16.30 19.82 -5.39
CA ARG A 59 -16.92 20.86 -4.58
C ARG A 59 -18.41 20.58 -4.36
N GLU A 60 -19.15 20.23 -5.41
CA GLU A 60 -20.58 20.02 -5.25
C GLU A 60 -20.89 18.89 -4.26
N THR A 61 -20.17 17.77 -4.37
CA THR A 61 -20.36 16.67 -3.43
C THR A 61 -20.01 17.11 -2.01
N LEU A 62 -18.88 17.78 -1.84
CA LEU A 62 -18.45 18.21 -0.51
C LEU A 62 -19.44 19.17 0.12
N VAL A 63 -19.96 20.13 -0.65
CA VAL A 63 -20.95 21.06 -0.12
C VAL A 63 -22.21 20.32 0.31
N ALA A 64 -22.65 19.37 -0.51
CA ALA A 64 -23.87 18.64 -0.16
C ALA A 64 -23.67 17.75 1.06
N VAL A 65 -22.49 17.13 1.21
CA VAL A 65 -22.22 16.37 2.42
C VAL A 65 -22.20 17.29 3.63
N ARG A 66 -21.56 18.45 3.50
CA ARG A 66 -21.53 19.43 4.59
C ARG A 66 -22.93 19.78 5.06
N GLU A 67 -23.83 20.07 4.12
CA GLU A 67 -25.16 20.48 4.55
C GLU A 67 -25.88 19.35 5.27
N ALA A 68 -25.77 18.13 4.76
CA ALA A 68 -26.42 16.98 5.41
C ALA A 68 -25.81 16.71 6.78
N ALA A 69 -24.49 16.75 6.90
CA ALA A 69 -23.87 16.45 8.19
C ALA A 69 -24.20 17.54 9.21
N THR A 70 -24.29 18.80 8.76
CA THR A 70 -24.57 19.91 9.68
C THR A 70 -25.92 19.71 10.37
N GLU A 71 -26.96 19.42 9.59
CA GLU A 71 -28.27 19.12 10.14
C GLU A 71 -28.18 18.02 11.19
N SER A 72 -27.51 16.92 10.85
CA SER A 72 -27.45 15.77 11.74
C SER A 72 -26.71 16.11 13.02
N ILE A 73 -25.58 16.80 12.92
CA ILE A 73 -24.84 17.23 14.11
C ILE A 73 -25.68 18.15 14.99
N LYS A 74 -26.52 19.00 14.39
CA LYS A 74 -27.36 19.91 15.16
C LYS A 74 -28.57 19.23 15.79
N GLY A 75 -28.95 18.05 15.31
CA GLY A 75 -30.06 17.30 15.88
C GLY A 75 -29.65 16.42 17.03
N ASP A 76 -30.47 15.41 17.30
CA ASP A 76 -30.36 14.58 18.50
C ASP A 76 -29.82 13.18 18.24
N ASN A 77 -29.42 12.86 17.00
CA ASN A 77 -29.08 11.49 16.64
C ASN A 77 -27.57 11.31 16.49
N LEU A 78 -27.15 10.04 16.39
CA LEU A 78 -25.77 9.71 16.04
C LEU A 78 -25.59 9.93 14.54
N THR A 79 -24.62 10.75 14.18
CA THR A 79 -24.32 11.01 12.77
C THR A 79 -23.37 9.95 12.24
N VAL A 80 -23.82 9.16 11.29
CA VAL A 80 -23.00 8.11 10.69
C VAL A 80 -22.80 8.45 9.22
N LEU A 81 -21.58 8.73 8.83
CA LEU A 81 -21.23 9.00 7.45
C LEU A 81 -20.49 7.78 6.89
N VAL A 82 -21.01 7.22 5.80
CA VAL A 82 -20.30 6.18 5.07
C VAL A 82 -19.72 6.84 3.83
N ASN A 83 -18.40 7.00 3.80
CA ASN A 83 -17.73 7.87 2.85
C ASN A 83 -16.83 7.04 1.93
N ASN A 84 -16.80 7.40 0.65
CA ASN A 84 -15.91 6.70 -0.27
C ASN A 84 -14.45 6.91 0.13
N THR A 85 -14.06 8.16 0.37
CA THR A 85 -12.67 8.48 0.67
C THR A 85 -12.58 9.32 1.94
N CYS A 86 -11.41 9.31 2.56
CA CYS A 86 -11.18 10.19 3.70
C CYS A 86 -11.39 11.64 3.34
N SER A 87 -11.18 12.00 2.07
CA SER A 87 -11.27 13.41 1.68
C SER A 87 -12.66 14.00 1.85
N VAL A 88 -13.71 13.17 1.92
CA VAL A 88 -15.04 13.69 2.26
C VAL A 88 -14.99 14.47 3.56
N SER A 89 -14.08 14.10 4.46
CA SER A 89 -14.00 14.72 5.76
C SER A 89 -13.44 16.13 5.73
N LEU A 90 -12.91 16.60 4.60
CA LEU A 90 -12.62 18.03 4.47
C LEU A 90 -13.88 18.87 4.65
N ALA A 91 -15.05 18.29 4.36
CA ALA A 91 -16.33 18.98 4.53
C ALA A 91 -16.89 18.81 5.94
N THR A 92 -16.72 17.64 6.55
CA THR A 92 -17.37 17.35 7.82
C THR A 92 -16.59 17.81 9.04
N LEU A 93 -15.26 17.64 9.05
CA LEU A 93 -14.50 17.97 10.25
C LEU A 93 -14.59 19.44 10.65
N PRO A 94 -14.60 20.42 9.73
CA PRO A 94 -14.81 21.80 10.16
C PRO A 94 -16.16 22.00 10.83
N VAL A 95 -17.19 21.29 10.39
CA VAL A 95 -18.50 21.38 11.06
C VAL A 95 -18.41 20.83 12.47
N VAL A 96 -17.80 19.66 12.63
CA VAL A 96 -17.64 19.06 13.95
C VAL A 96 -16.96 20.04 14.89
N ALA A 97 -15.86 20.65 14.45
CA ALA A 97 -15.07 21.54 15.31
C ALA A 97 -15.83 22.81 15.65
N ARG A 98 -16.65 23.31 14.72
CA ARG A 98 -17.43 24.51 14.99
C ARG A 98 -18.57 24.22 15.96
N GLU A 99 -19.28 23.12 15.74
CA GLU A 99 -20.43 22.79 16.58
C GLU A 99 -19.99 22.24 17.93
N HIS A 100 -18.85 21.57 18.00
CA HIS A 100 -18.35 20.95 19.22
C HIS A 100 -16.88 21.32 19.37
N PRO A 101 -16.60 22.56 19.79
CA PRO A 101 -15.21 23.01 19.93
C PRO A 101 -14.39 22.21 20.93
N ASP A 102 -15.02 21.47 21.84
CA ASP A 102 -14.33 20.60 22.78
C ASP A 102 -14.20 19.16 22.29
N ALA A 103 -14.73 18.83 21.12
CA ALA A 103 -14.65 17.44 20.65
C ALA A 103 -13.20 17.02 20.40
N VAL A 104 -12.92 15.75 20.69
CA VAL A 104 -11.70 15.10 20.24
C VAL A 104 -12.03 14.28 19.00
N VAL A 105 -11.23 14.45 17.96
CA VAL A 105 -11.36 13.66 16.73
C VAL A 105 -10.35 12.52 16.81
N LEU A 106 -10.87 11.29 16.83
CA LEU A 106 -10.02 10.10 16.69
C LEU A 106 -9.94 9.79 15.20
N TYR A 107 -8.77 10.02 14.62
CA TYR A 107 -8.55 9.82 13.20
C TYR A 107 -7.80 8.50 13.07
N ILE A 108 -8.55 7.45 12.81
CA ILE A 108 -8.07 6.07 12.86
C ILE A 108 -7.68 5.68 11.44
N ASP A 109 -6.38 5.52 11.20
CA ASP A 109 -5.88 5.46 9.83
C ASP A 109 -4.47 4.88 9.89
N GLY A 110 -4.11 4.02 8.92
CA GLY A 110 -2.73 3.57 8.86
C GLY A 110 -1.76 4.67 8.46
N HIS A 111 -2.28 5.76 7.90
CA HIS A 111 -1.51 6.93 7.48
C HIS A 111 -1.80 8.10 8.39
N GLY A 112 -0.96 9.14 8.28
CA GLY A 112 -1.22 10.37 9.01
C GLY A 112 -2.19 11.33 8.33
N ASP A 113 -2.32 11.23 6.99
CA ASP A 113 -3.16 12.13 6.21
C ASP A 113 -2.92 13.59 6.58
N PHE A 114 -1.64 13.94 6.76
CA PHE A 114 -1.25 15.24 7.30
C PHE A 114 -0.30 15.98 6.37
N ASN A 115 -0.36 15.70 5.08
CA ASN A 115 0.48 16.42 4.13
C ASN A 115 -0.13 17.76 3.75
N THR A 116 0.72 18.66 3.28
CA THR A 116 0.28 19.94 2.77
C THR A 116 0.65 20.00 1.29
N PRO A 117 0.20 21.01 0.55
CA PRO A 117 0.65 21.14 -0.84
C PRO A 117 2.16 21.17 -0.98
N GLU A 118 2.87 21.69 0.04
CA GLU A 118 4.33 21.74 -0.03
C GLU A 118 4.97 20.38 0.20
N THR A 119 4.35 19.51 1.00
CA THR A 119 5.01 18.28 1.42
C THR A 119 4.53 17.02 0.70
N THR A 120 3.40 17.08 0.00
CA THR A 120 2.91 15.85 -0.62
C THR A 120 3.86 15.38 -1.73
N ASP A 121 4.14 14.08 -1.74
CA ASP A 121 4.94 13.48 -2.80
C ASP A 121 4.08 12.99 -3.96
N THR A 122 2.80 12.70 -3.71
CA THR A 122 1.95 12.08 -4.71
C THR A 122 0.87 13.00 -5.23
N GLY A 123 0.65 14.16 -4.60
CA GLY A 123 -0.41 15.07 -5.00
C GLY A 123 -1.79 14.64 -4.57
N TYR A 124 -1.92 13.59 -3.77
CA TYR A 124 -3.22 12.97 -3.50
C TYR A 124 -3.95 13.70 -2.36
N LEU A 125 -5.16 14.18 -2.65
CA LEU A 125 -5.95 14.91 -1.67
C LEU A 125 -6.20 14.08 -0.41
N GLY A 126 -6.36 12.76 -0.57
CA GLY A 126 -6.63 11.90 0.57
C GLY A 126 -5.50 11.83 1.57
N GLY A 127 -4.30 12.24 1.19
CA GLY A 127 -3.20 12.33 2.13
C GLY A 127 -3.07 13.67 2.80
N MET A 128 -4.06 14.55 2.62
CA MET A 128 -4.00 15.94 3.07
C MET A 128 -5.21 16.31 3.92
N VAL A 129 -5.98 15.32 4.38
CA VAL A 129 -7.29 15.58 4.98
C VAL A 129 -7.17 16.19 6.36
N LEU A 130 -6.42 15.55 7.25
CA LEU A 130 -6.39 16.03 8.62
C LEU A 130 -5.67 17.37 8.72
N SER A 131 -4.60 17.55 7.94
CA SER A 131 -3.91 18.83 7.91
C SER A 131 -4.80 19.94 7.38
N GLY A 132 -5.64 19.62 6.40
CA GLY A 132 -6.57 20.62 5.88
C GLY A 132 -7.61 21.02 6.91
N ALA A 133 -8.19 20.04 7.60
CA ALA A 133 -9.19 20.37 8.60
C ALA A 133 -8.58 21.15 9.76
N CYS A 134 -7.30 20.94 10.02
CA CYS A 134 -6.57 21.65 11.06
C CYS A 134 -5.98 22.98 10.58
N GLY A 135 -6.22 23.36 9.32
CA GLY A 135 -5.82 24.69 8.86
C GLY A 135 -4.37 24.85 8.45
N LEU A 136 -3.61 23.77 8.29
CA LEU A 136 -2.25 23.91 7.81
C LEU A 136 -2.22 24.30 6.34
N TRP A 137 -3.29 24.02 5.62
CA TRP A 137 -3.50 24.51 4.26
C TRP A 137 -4.99 24.70 4.08
N ASP A 138 -5.37 25.44 3.03
CA ASP A 138 -6.74 25.90 2.84
C ASP A 138 -7.44 25.03 1.80
N SER A 139 -8.37 24.21 2.26
CA SER A 139 -9.11 23.33 1.38
C SER A 139 -10.27 24.03 0.69
N GLY A 140 -10.62 25.25 1.10
CA GLY A 140 -11.83 25.87 0.61
C GLY A 140 -13.10 25.41 1.29
N HIS A 141 -12.98 24.53 2.28
CA HIS A 141 -14.13 24.01 3.03
C HIS A 141 -13.99 24.28 4.52
N GLY A 142 -13.19 25.26 4.87
CA GLY A 142 -13.00 25.65 6.25
C GLY A 142 -11.96 24.81 6.96
N ALA A 143 -11.70 25.19 8.20
CA ALA A 143 -10.79 24.47 9.07
C ALA A 143 -11.34 24.57 10.49
N GLY A 144 -10.50 24.98 11.43
CA GLY A 144 -10.94 25.22 12.78
C GLY A 144 -10.75 24.06 13.75
N LEU A 145 -10.43 22.87 13.27
CA LEU A 145 -10.11 21.78 14.17
C LEU A 145 -8.73 22.02 14.78
N ARG A 146 -8.67 22.11 16.09
CA ARG A 146 -7.38 22.28 16.75
C ARG A 146 -6.57 20.99 16.59
N PRO A 147 -5.32 21.06 16.10
CA PRO A 147 -4.47 19.85 16.12
C PRO A 147 -4.40 19.22 17.50
N GLU A 148 -4.49 20.05 18.55
CA GLU A 148 -4.44 19.57 19.93
C GLU A 148 -5.63 18.70 20.28
N GLN A 149 -6.70 18.76 19.48
CA GLN A 149 -7.90 17.97 19.67
C GLN A 149 -7.98 16.79 18.70
N ALA A 150 -6.91 16.55 17.93
CA ALA A 150 -6.88 15.44 16.97
C ALA A 150 -5.90 14.39 17.44
N VAL A 151 -6.32 13.12 17.36
CA VAL A 151 -5.46 12.01 17.77
C VAL A 151 -5.44 11.01 16.62
N LEU A 152 -4.26 10.77 16.06
CA LEU A 152 -4.08 9.74 15.05
C LEU A 152 -3.95 8.40 15.75
N VAL A 153 -4.76 7.43 15.34
CA VAL A 153 -4.81 6.13 16.01
C VAL A 153 -4.52 5.06 14.96
N GLY A 154 -3.49 4.26 15.21
CA GLY A 154 -3.13 3.18 14.31
C GLY A 154 -2.15 3.55 13.23
N SER A 155 -1.73 4.81 13.17
CA SER A 155 -0.83 5.26 12.12
C SER A 155 0.57 4.72 12.38
N ARG A 156 1.28 4.43 11.29
CA ARG A 156 2.61 3.84 11.39
C ARG A 156 3.36 4.11 10.09
N ASP A 157 4.67 3.96 10.16
CA ASP A 157 5.53 4.12 8.98
C ASP A 157 5.22 5.43 8.27
N ILE A 158 5.23 6.52 9.04
CA ILE A 158 4.96 7.85 8.53
C ILE A 158 6.27 8.45 8.02
N ASP A 159 6.21 9.07 6.85
CA ASP A 159 7.37 9.78 6.30
C ASP A 159 7.91 10.77 7.33
N GLU A 160 9.23 10.89 7.39
CA GLU A 160 9.86 11.65 8.45
C GLU A 160 9.43 13.12 8.43
N GLY A 161 9.37 13.72 7.24
CA GLY A 161 8.91 15.09 7.15
C GLY A 161 7.49 15.28 7.64
N GLU A 162 6.58 14.38 7.21
CA GLU A 162 5.19 14.47 7.64
C GLU A 162 5.05 14.24 9.14
N ARG A 163 5.83 13.31 9.69
CA ARG A 163 5.81 13.06 11.13
C ARG A 163 6.21 14.29 11.92
N GLU A 164 7.14 15.09 11.38
CA GLU A 164 7.53 16.31 12.09
C GLU A 164 6.48 17.40 11.99
N LEU A 165 5.77 17.49 10.86
CA LEU A 165 4.62 18.40 10.79
C LEU A 165 3.59 18.03 11.85
N ILE A 166 3.30 16.73 11.98
CA ILE A 166 2.36 16.23 12.98
C ILE A 166 2.84 16.63 14.37
N ARG A 167 4.11 16.39 14.65
CA ARG A 167 4.67 16.71 15.96
C ARG A 167 4.58 18.20 16.24
N LYS A 168 4.99 19.02 15.28
CA LYS A 168 5.01 20.47 15.51
C LYS A 168 3.61 21.04 15.68
N ALA A 169 2.62 20.48 15.00
CA ALA A 169 1.24 20.93 15.15
C ALA A 169 0.64 20.51 16.48
N GLY A 170 1.16 19.45 17.09
CA GLY A 170 0.60 18.96 18.34
C GLY A 170 -0.40 17.84 18.20
N VAL A 171 -0.40 17.16 17.06
CA VAL A 171 -1.28 16.00 16.86
C VAL A 171 -0.65 14.80 17.54
N ARG A 172 -1.37 14.16 18.45
CA ARG A 172 -0.89 12.96 19.11
C ARG A 172 -1.02 11.75 18.18
N VAL A 173 -0.11 10.79 18.32
CA VAL A 173 -0.13 9.56 17.52
C VAL A 173 -0.09 8.38 18.48
N ILE A 174 -1.05 7.48 18.35
CA ILE A 174 -1.09 6.24 19.11
C ILE A 174 -0.94 5.09 18.11
N PRO A 175 0.23 4.50 18.01
CA PRO A 175 0.45 3.44 17.00
C PRO A 175 -0.32 2.18 17.36
N PRO A 176 -0.47 1.23 16.42
CA PRO A 176 -1.32 0.04 16.68
C PRO A 176 -1.03 -0.71 17.96
N GLY A 177 0.24 -0.93 18.29
CA GLY A 177 0.57 -1.68 19.49
C GLY A 177 0.34 -0.93 20.78
N GLU A 178 0.06 0.38 20.71
CA GLU A 178 -0.33 1.13 21.89
C GLU A 178 -1.83 1.44 21.91
N ALA A 179 -2.56 1.08 20.86
CA ALA A 179 -3.94 1.55 20.65
C ALA A 179 -4.95 0.61 21.31
N THR A 180 -4.76 0.41 22.62
CA THR A 180 -5.78 -0.25 23.40
C THR A 180 -6.94 0.70 23.66
N ALA A 181 -8.08 0.13 24.10
CA ALA A 181 -9.23 0.97 24.39
C ALA A 181 -8.91 2.00 25.46
N GLN A 182 -8.17 1.60 26.49
CA GLN A 182 -7.86 2.54 27.57
C GLN A 182 -6.92 3.65 27.10
N ALA A 183 -5.94 3.32 26.24
CA ALA A 183 -5.07 4.36 25.72
C ALA A 183 -5.88 5.41 24.97
N VAL A 184 -6.90 4.97 24.22
CA VAL A 184 -7.73 5.92 23.50
C VAL A 184 -8.58 6.73 24.47
N LEU A 185 -9.19 6.08 25.46
CA LEU A 185 -9.93 6.81 26.48
C LEU A 185 -9.07 7.83 27.19
N ASP A 186 -7.82 7.49 27.51
CA ASP A 186 -6.95 8.46 28.17
C ASP A 186 -6.72 9.69 27.30
N ALA A 187 -6.68 9.51 25.99
CA ALA A 187 -6.43 10.65 25.12
C ALA A 187 -7.65 11.56 25.03
N VAL A 188 -8.84 10.97 25.12
CA VAL A 188 -10.08 11.72 24.96
C VAL A 188 -10.45 12.50 26.21
N LYS A 189 -10.10 11.99 27.39
CA LYS A 189 -10.46 12.60 28.68
C LYS A 189 -11.97 12.75 28.76
N ASP A 190 -12.51 13.92 29.13
CA ASP A 190 -13.95 14.09 29.28
C ASP A 190 -14.63 14.62 28.02
N ALA A 191 -13.95 14.61 26.89
CA ALA A 191 -14.46 15.30 25.71
C ALA A 191 -15.51 14.47 24.99
N PRO A 192 -16.42 15.12 24.27
CA PRO A 192 -17.21 14.39 23.27
C PRO A 192 -16.29 13.97 22.13
N VAL A 193 -16.71 12.96 21.39
CA VAL A 193 -15.81 12.22 20.49
C VAL A 193 -16.40 12.11 19.09
N TRP A 194 -15.57 12.34 18.09
CA TRP A 194 -15.89 12.06 16.69
C TRP A 194 -14.89 11.02 16.20
N ILE A 195 -15.39 9.93 15.63
CA ILE A 195 -14.53 8.86 15.14
C ILE A 195 -14.50 8.87 13.61
N HIS A 196 -13.31 8.89 13.04
CA HIS A 196 -13.11 8.79 11.60
C HIS A 196 -12.21 7.58 11.34
N ILE A 197 -12.69 6.63 10.53
CA ILE A 197 -11.91 5.41 10.25
C ILE A 197 -11.62 5.28 8.76
N ASP A 198 -10.33 5.08 8.43
CA ASP A 198 -9.86 4.62 7.12
C ASP A 198 -9.49 3.15 7.31
N TRP A 199 -10.17 2.26 6.58
CA TRP A 199 -9.96 0.82 6.80
C TRP A 199 -8.55 0.34 6.53
N ASP A 200 -7.70 1.14 5.85
CA ASP A 200 -6.31 0.70 5.72
C ASP A 200 -5.56 0.67 7.05
N VAL A 201 -6.18 1.10 8.15
CA VAL A 201 -5.56 0.91 9.46
C VAL A 201 -5.46 -0.56 9.83
N LEU A 202 -6.32 -1.40 9.26
CA LEU A 202 -6.42 -2.80 9.69
C LEU A 202 -5.25 -3.64 9.18
N GLU A 203 -4.77 -4.53 10.05
CA GLU A 203 -3.82 -5.55 9.63
C GLU A 203 -4.40 -6.33 8.46
N PRO A 204 -3.66 -6.49 7.35
CA PRO A 204 -4.19 -7.28 6.22
C PRO A 204 -4.63 -8.64 6.70
N GLY A 205 -5.91 -8.95 6.49
CA GLY A 205 -6.54 -10.15 7.02
C GLY A 205 -5.78 -11.41 6.68
N SER A 206 -5.37 -12.16 7.72
CA SER A 206 -4.62 -13.38 7.53
C SER A 206 -5.16 -14.45 8.47
N ILE A 207 -5.46 -15.63 7.90
CA ILE A 207 -5.96 -16.75 8.70
C ILE A 207 -5.10 -17.04 9.93
N PRO A 208 -3.77 -17.25 9.81
CA PRO A 208 -3.00 -17.71 10.97
C PRO A 208 -2.14 -16.61 11.58
N ALA A 209 -2.75 -15.71 12.35
CA ALA A 209 -2.01 -14.61 12.98
C ALA A 209 -1.83 -14.83 14.48
N ASP A 210 -1.85 -16.08 14.94
CA ASP A 210 -1.73 -16.36 16.36
C ASP A 210 -0.29 -16.25 16.87
N TYR A 211 0.70 -16.43 16.00
CA TYR A 211 2.10 -16.52 16.41
C TYR A 211 2.96 -15.37 15.90
N THR A 212 2.37 -14.37 15.27
CA THR A 212 3.12 -13.19 14.87
C THR A 212 2.42 -11.94 15.39
N VAL A 213 3.20 -10.88 15.54
CA VAL A 213 2.71 -9.60 16.03
C VAL A 213 2.24 -8.80 14.82
N PRO A 214 1.01 -8.29 14.84
CA PRO A 214 0.52 -7.56 13.66
C PRO A 214 1.12 -6.17 13.58
N ASP A 215 1.23 -5.68 12.35
CA ASP A 215 1.69 -4.33 12.11
C ASP A 215 0.56 -3.32 12.09
N GLY A 216 -0.63 -3.74 11.65
CA GLY A 216 -1.80 -2.90 11.69
C GLY A 216 -2.65 -3.18 12.92
N MET A 217 -3.77 -2.48 13.02
CA MET A 217 -4.72 -2.74 14.08
C MET A 217 -5.58 -3.95 13.74
N LEU A 218 -5.98 -4.70 14.81
CA LEU A 218 -6.88 -5.82 14.61
C LEU A 218 -8.33 -5.36 14.70
N PRO A 219 -9.25 -6.03 14.01
CA PRO A 219 -10.68 -5.69 14.19
C PRO A 219 -11.12 -5.64 15.64
N ALA A 220 -10.61 -6.56 16.47
CA ALA A 220 -10.96 -6.55 17.90
C ALA A 220 -10.53 -5.26 18.58
N GLN A 221 -9.42 -4.65 18.13
CA GLN A 221 -9.00 -3.40 18.74
C GLN A 221 -9.93 -2.26 18.35
N ILE A 222 -10.42 -2.25 17.11
CA ILE A 222 -11.39 -1.23 16.72
C ILE A 222 -12.68 -1.42 17.49
N ARG A 223 -13.15 -2.67 17.58
CA ARG A 223 -14.36 -2.92 18.34
C ARG A 223 -14.23 -2.46 19.77
N ALA A 224 -13.06 -2.68 20.38
CA ALA A 224 -12.86 -2.29 21.77
C ALA A 224 -12.95 -0.78 21.94
N VAL A 225 -12.50 -0.01 20.95
CA VAL A 225 -12.68 1.44 20.99
C VAL A 225 -14.16 1.79 20.97
N PHE A 226 -14.93 1.17 20.07
CA PHE A 226 -16.36 1.48 20.00
C PHE A 226 -17.09 1.07 21.29
N GLU A 227 -16.68 -0.04 21.91
CA GLU A 227 -17.25 -0.44 23.19
C GLU A 227 -16.92 0.55 24.30
N ALA A 228 -15.76 1.22 24.22
CA ALA A 228 -15.28 2.04 25.33
C ALA A 228 -15.83 3.46 25.34
N ILE A 229 -16.15 4.04 24.18
CA ILE A 229 -16.65 5.42 24.16
C ILE A 229 -18.09 5.46 24.64
N PRO A 230 -18.41 6.21 25.70
CA PRO A 230 -19.80 6.27 26.16
C PRO A 230 -20.72 6.80 25.07
N ALA A 231 -21.89 6.17 24.92
CA ALA A 231 -22.85 6.57 23.91
C ALA A 231 -23.21 8.05 24.04
N GLU A 232 -23.34 8.54 25.26
CA GLU A 232 -23.70 9.94 25.49
C GLU A 232 -22.63 10.90 24.99
N ARG A 233 -21.40 10.42 24.77
CA ARG A 233 -20.31 11.28 24.35
C ARG A 233 -19.98 11.18 22.87
N LEU A 234 -20.56 10.23 22.15
CA LEU A 234 -20.19 10.01 20.76
C LEU A 234 -21.02 10.91 19.86
N ILE A 235 -20.36 11.83 19.16
CA ILE A 235 -21.04 12.75 18.25
C ILE A 235 -21.36 12.05 16.94
N GLY A 236 -20.41 11.31 16.39
CA GLY A 236 -20.60 10.73 15.08
C GLY A 236 -19.43 9.86 14.71
N VAL A 237 -19.61 9.14 13.59
CA VAL A 237 -18.67 8.14 13.12
C VAL A 237 -18.62 8.22 11.60
N GLU A 238 -17.42 8.24 11.04
CA GLU A 238 -17.20 8.16 9.59
C GLU A 238 -16.49 6.87 9.26
N LEU A 239 -17.01 6.13 8.28
CA LEU A 239 -16.44 4.87 7.82
C LEU A 239 -15.99 5.10 6.39
N ALA A 240 -14.69 5.02 6.14
CA ALA A 240 -14.15 5.41 4.84
C ALA A 240 -13.18 4.39 4.27
N GLU A 241 -13.15 4.34 2.93
CA GLU A 241 -12.09 3.66 2.17
C GLU A 241 -12.15 2.13 2.26
N LEU A 242 -13.33 1.57 2.05
CA LEU A 242 -13.46 0.15 1.75
C LEU A 242 -13.38 -0.01 0.24
N ASN A 243 -12.31 -0.62 -0.25
CA ASN A 243 -12.09 -0.80 -1.67
C ASN A 243 -12.51 -2.22 -2.03
N ALA A 244 -13.80 -2.40 -2.34
CA ALA A 244 -14.30 -3.73 -2.62
C ALA A 244 -15.39 -3.60 -3.67
N PRO A 245 -15.34 -4.40 -4.74
CA PRO A 245 -16.32 -4.26 -5.81
C PRO A 245 -17.73 -4.55 -5.32
N ALA A 246 -18.67 -3.79 -5.88
CA ALA A 246 -20.08 -4.10 -5.70
C ALA A 246 -20.36 -5.51 -6.20
N ASP A 247 -21.15 -6.24 -5.42
CA ASP A 247 -21.61 -7.61 -5.67
C ASP A 247 -20.55 -8.66 -5.37
N SER A 248 -19.34 -8.27 -4.99
CA SER A 248 -18.30 -9.26 -4.77
C SER A 248 -18.51 -9.98 -3.44
N GLU A 249 -18.09 -11.25 -3.43
CA GLU A 249 -17.97 -11.98 -2.18
C GLU A 249 -17.08 -11.23 -1.20
N ARG A 250 -16.02 -10.59 -1.71
CA ARG A 250 -15.10 -9.87 -0.84
C ARG A 250 -15.81 -8.75 -0.09
N ALA A 251 -16.66 -7.98 -0.78
CA ALA A 251 -17.39 -6.91 -0.11
C ALA A 251 -18.35 -7.48 0.94
N GLU A 252 -18.98 -8.61 0.61
CA GLU A 252 -19.88 -9.29 1.54
C GLU A 252 -19.17 -9.62 2.85
N GLN A 253 -17.96 -10.20 2.74
CA GLN A 253 -17.18 -10.56 3.92
C GLN A 253 -16.68 -9.31 4.65
N ALA A 254 -16.27 -8.29 3.91
CA ALA A 254 -15.71 -7.10 4.54
C ALA A 254 -16.77 -6.36 5.36
N VAL A 255 -17.99 -6.23 4.84
CA VAL A 255 -19.02 -5.50 5.57
C VAL A 255 -19.46 -6.26 6.82
N ALA A 256 -19.42 -7.59 6.79
CA ALA A 256 -19.71 -8.35 8.01
C ALA A 256 -18.70 -8.02 9.11
N VAL A 257 -17.42 -7.89 8.76
CA VAL A 257 -16.42 -7.52 9.75
C VAL A 257 -16.66 -6.08 10.22
N ILE A 258 -17.01 -5.19 9.30
CA ILE A 258 -17.30 -3.81 9.68
C ILE A 258 -18.45 -3.74 10.67
N LEU A 259 -19.54 -4.47 10.39
CA LEU A 259 -20.70 -4.42 11.28
C LEU A 259 -20.33 -4.93 12.67
N ASP A 260 -19.46 -5.93 12.74
CA ASP A 260 -19.02 -6.45 14.03
C ASP A 260 -18.24 -5.40 14.81
N MET A 261 -17.40 -4.62 14.13
CA MET A 261 -16.59 -3.61 14.82
C MET A 261 -17.44 -2.47 15.34
N VAL A 262 -18.42 -2.00 14.55
CA VAL A 262 -19.18 -0.82 14.92
C VAL A 262 -20.37 -1.14 15.81
N ALA A 263 -20.77 -2.40 15.90
CA ALA A 263 -21.99 -2.75 16.62
C ALA A 263 -22.12 -2.17 18.03
N PRO A 264 -21.09 -2.16 18.87
CA PRO A 264 -21.31 -1.63 20.24
C PRO A 264 -21.80 -0.21 20.25
N ALA A 265 -21.28 0.64 19.37
CA ALA A 265 -21.72 2.02 19.32
C ALA A 265 -23.05 2.17 18.59
N PHE A 266 -23.23 1.48 17.46
CA PHE A 266 -24.45 1.71 16.69
C PHE A 266 -25.65 1.07 17.40
N ASP A 267 -25.44 -0.09 18.02
CA ASP A 267 -26.52 -0.71 18.80
C ASP A 267 -26.98 0.21 19.91
N ALA A 268 -26.03 0.83 20.64
CA ALA A 268 -26.41 1.74 21.71
C ALA A 268 -27.18 2.94 21.17
N ALA A 269 -26.73 3.51 20.05
CA ALA A 269 -27.40 4.66 19.50
C ALA A 269 -28.80 4.30 19.02
N ALA A 270 -28.98 3.09 18.50
CA ALA A 270 -30.29 2.63 18.06
C ALA A 270 -31.22 2.32 19.22
N ALA A 271 -30.67 2.18 20.43
CA ALA A 271 -31.47 1.83 21.61
C ALA A 271 -31.23 2.80 22.76
N MET B 1 -6.76 -8.79 -1.46
CA MET B 1 -5.92 -9.76 -0.77
C MET B 1 -4.45 -9.54 -1.11
N ILE B 2 -3.95 -8.31 -0.96
CA ILE B 2 -2.56 -7.96 -1.24
C ILE B 2 -1.85 -7.69 0.07
N ASP B 3 -0.69 -8.34 0.28
CA ASP B 3 0.22 -8.02 1.38
C ASP B 3 1.33 -7.16 0.78
N LEU B 4 1.40 -5.89 1.16
CA LEU B 4 2.37 -4.97 0.62
C LEU B 4 3.54 -4.80 1.61
N ILE B 5 4.74 -5.20 1.19
CA ILE B 5 5.94 -5.14 2.02
C ILE B 5 6.96 -4.32 1.26
N VAL B 6 7.61 -3.38 1.93
CA VAL B 6 8.43 -2.37 1.25
C VAL B 6 9.80 -2.32 1.92
N SER B 7 10.86 -2.54 1.15
CA SER B 7 12.20 -2.38 1.71
C SER B 7 12.61 -0.92 1.70
N GLN B 8 13.09 -0.45 2.86
CA GLN B 8 13.65 0.90 2.98
C GLN B 8 15.07 0.88 3.54
N GLY B 9 15.69 -0.30 3.67
CA GLY B 9 17.07 -0.40 4.09
C GLY B 9 17.99 -0.51 2.89
N ARG B 10 19.19 0.07 3.01
CA ARG B 10 20.17 -0.06 1.95
C ARG B 10 20.55 -1.53 1.75
N VAL B 11 20.47 -2.00 0.50
CA VAL B 11 21.05 -3.29 0.14
C VAL B 11 21.91 -3.05 -1.09
N ALA B 12 23.13 -2.55 -0.86
CA ALA B 12 24.18 -2.29 -1.85
C ALA B 12 23.89 -1.14 -2.80
N ASP B 13 22.85 -0.33 -2.54
CA ASP B 13 22.48 0.74 -3.48
C ASP B 13 23.67 1.59 -3.86
N ARG B 14 23.88 1.75 -5.16
CA ARG B 14 24.87 2.70 -5.68
C ARG B 14 24.24 3.95 -6.24
N ALA B 15 22.93 3.92 -6.49
CA ALA B 15 22.18 5.07 -6.99
C ALA B 15 21.44 5.73 -5.83
N ALA B 16 21.16 7.03 -5.98
CA ALA B 16 20.74 7.82 -4.84
C ALA B 16 19.26 7.67 -4.49
N TRP B 17 18.42 7.22 -5.42
CA TRP B 17 16.97 7.37 -5.26
C TRP B 17 16.23 6.05 -5.35
N MET B 18 16.89 4.93 -5.04
CA MET B 18 16.24 3.62 -5.10
CA MET B 18 16.20 3.65 -5.12
C MET B 18 15.33 3.40 -3.89
N ILE B 19 15.73 3.92 -2.73
CA ILE B 19 14.89 3.81 -1.55
C ILE B 19 13.68 4.72 -1.70
N GLU B 20 13.88 5.94 -2.21
CA GLU B 20 12.76 6.83 -2.50
C GLU B 20 11.86 6.25 -3.59
N GLY B 21 12.45 5.64 -4.62
CA GLY B 21 11.64 5.05 -5.66
C GLY B 21 10.75 3.93 -5.15
N ALA B 22 11.29 3.08 -4.27
CA ALA B 22 10.47 2.04 -3.65
C ALA B 22 9.35 2.65 -2.82
N ALA B 23 9.64 3.68 -2.01
CA ALA B 23 8.60 4.31 -1.22
C ALA B 23 7.53 4.91 -2.11
N ARG B 24 7.93 5.55 -3.21
CA ARG B 24 6.95 6.21 -4.08
C ARG B 24 6.08 5.19 -4.82
N THR B 25 6.68 4.06 -5.22
CA THR B 25 5.91 2.98 -5.83
C THR B 25 4.92 2.40 -4.82
N ALA B 26 5.38 2.16 -3.59
CA ALA B 26 4.50 1.64 -2.55
C ALA B 26 3.34 2.60 -2.30
N ARG B 27 3.61 3.92 -2.26
CA ARG B 27 2.53 4.86 -2.01
C ARG B 27 1.52 4.85 -3.15
N ALA B 28 2.00 4.72 -4.40
CA ALA B 28 1.09 4.59 -5.53
C ALA B 28 0.17 3.38 -5.38
N LEU B 29 0.73 2.25 -4.95
CA LEU B 29 -0.11 1.06 -4.75
C LEU B 29 -1.07 1.25 -3.59
N GLU B 30 -0.62 1.92 -2.52
CA GLU B 30 -1.52 2.20 -1.40
C GLU B 30 -2.72 3.01 -1.86
N GLU B 31 -2.47 4.02 -2.71
CA GLU B 31 -3.55 4.88 -3.18
C GLU B 31 -4.45 4.16 -4.17
N ARG B 32 -3.87 3.33 -5.03
CA ARG B 32 -4.68 2.64 -6.03
C ARG B 32 -5.53 1.54 -5.43
N TYR B 33 -5.05 0.87 -4.38
CA TYR B 33 -5.71 -0.32 -3.85
C TYR B 33 -6.24 -0.17 -2.43
N GLY B 34 -6.09 0.99 -1.82
CA GLY B 34 -6.56 1.19 -0.46
C GLY B 34 -5.78 0.43 0.58
N LEU B 35 -4.45 0.40 0.42
CA LEU B 35 -3.58 -0.38 1.30
C LEU B 35 -2.75 0.53 2.19
N LYS B 36 -2.13 -0.09 3.20
CA LYS B 36 -1.03 0.50 3.94
C LYS B 36 0.09 -0.53 3.97
N GLY B 37 1.23 -0.19 3.38
CA GLY B 37 2.34 -1.09 3.36
C GLY B 37 3.02 -1.23 4.70
N HIS B 38 3.77 -2.33 4.82
CA HIS B 38 4.66 -2.57 5.94
C HIS B 38 6.09 -2.28 5.46
N TYR B 39 6.73 -1.29 6.08
CA TYR B 39 8.02 -0.79 5.63
C TYR B 39 9.12 -1.34 6.53
N VAL B 40 10.15 -1.91 5.92
CA VAL B 40 11.16 -2.70 6.62
C VAL B 40 12.53 -2.12 6.30
N GLY B 41 13.33 -1.87 7.32
CA GLY B 41 14.70 -1.44 7.13
C GLY B 41 14.86 0.06 7.34
N GLU B 42 16.10 0.47 7.62
CA GLU B 42 16.40 1.87 7.84
C GLU B 42 17.23 2.40 6.69
N PRO B 43 16.86 3.55 6.12
CA PRO B 43 17.65 4.08 5.00
C PRO B 43 19.08 4.40 5.43
N ALA B 44 19.97 4.37 4.44
CA ALA B 44 21.35 4.80 4.61
C ALA B 44 21.87 5.29 3.27
N PRO B 45 22.88 6.14 3.26
CA PRO B 45 23.33 6.73 1.99
C PRO B 45 23.89 5.69 1.05
N HIS B 46 23.72 5.96 -0.24
CA HIS B 46 24.27 5.09 -1.26
C HIS B 46 25.80 5.21 -1.30
N ALA B 47 26.45 4.21 -1.88
CA ALA B 47 27.91 4.18 -1.91
C ALA B 47 28.37 3.23 -3.01
N ASP B 48 29.58 3.48 -3.50
CA ASP B 48 30.19 2.63 -4.53
C ASP B 48 31.15 1.66 -3.86
N ASP B 49 30.57 0.65 -3.20
CA ASP B 49 31.35 -0.31 -2.42
C ASP B 49 31.25 -1.72 -3.01
N ASP B 50 32.25 -2.53 -2.68
CA ASP B 50 32.27 -3.91 -3.11
C ASP B 50 31.19 -4.73 -2.40
N TRP B 51 30.72 -5.77 -3.08
CA TRP B 51 29.73 -6.67 -2.50
C TRP B 51 30.17 -7.19 -1.13
N SER B 52 31.48 -7.43 -0.96
CA SER B 52 32.00 -7.97 0.29
C SER B 52 31.83 -7.02 1.46
N VAL B 53 31.62 -5.74 1.17
CA VAL B 53 31.35 -4.72 2.17
C VAL B 53 29.85 -4.47 2.30
N ALA B 54 29.17 -4.34 1.16
CA ALA B 54 27.75 -3.99 1.18
C ALA B 54 26.91 -5.12 1.72
N LEU B 55 27.28 -6.36 1.43
CA LEU B 55 26.47 -7.48 1.88
C LEU B 55 26.40 -7.61 3.40
N PRO B 56 27.52 -7.62 4.14
CA PRO B 56 27.38 -7.64 5.61
C PRO B 56 26.64 -6.44 6.16
N GLN B 57 26.83 -5.26 5.57
CA GLN B 57 26.11 -4.08 6.04
C GLN B 57 24.60 -4.25 5.94
N ALA B 58 24.14 -5.00 4.93
CA ALA B 58 22.70 -5.18 4.69
C ALA B 58 22.07 -6.30 5.51
N ARG B 59 22.81 -6.94 6.42
CA ARG B 59 22.30 -8.13 7.10
C ARG B 59 20.97 -7.86 7.82
N GLU B 60 20.90 -6.79 8.62
CA GLU B 60 19.69 -6.54 9.40
C GLU B 60 18.48 -6.34 8.50
N THR B 61 18.65 -5.58 7.42
CA THR B 61 17.54 -5.37 6.49
C THR B 61 17.12 -6.69 5.84
N LEU B 62 18.10 -7.49 5.39
CA LEU B 62 17.78 -8.73 4.69
C LEU B 62 17.08 -9.74 5.62
N VAL B 63 17.52 -9.82 6.88
CA VAL B 63 16.86 -10.70 7.83
C VAL B 63 15.43 -10.24 8.08
N ALA B 64 15.23 -8.93 8.20
CA ALA B 64 13.90 -8.41 8.44
C ALA B 64 12.98 -8.64 7.24
N VAL B 65 13.50 -8.49 6.02
CA VAL B 65 12.68 -8.77 4.84
C VAL B 65 12.34 -10.24 4.74
N ARG B 66 13.30 -11.12 5.04
CA ARG B 66 13.03 -12.55 5.02
C ARG B 66 11.88 -12.90 5.96
N GLU B 67 11.89 -12.33 7.16
CA GLU B 67 10.85 -12.63 8.13
C GLU B 67 9.48 -12.14 7.66
N ALA B 68 9.41 -10.92 7.14
CA ALA B 68 8.14 -10.41 6.65
C ALA B 68 7.65 -11.20 5.43
N ALA B 69 8.57 -11.55 4.53
CA ALA B 69 8.18 -12.30 3.34
C ALA B 69 7.69 -13.69 3.71
N THR B 70 8.32 -14.31 4.71
CA THR B 70 7.95 -15.66 5.12
C THR B 70 6.51 -15.69 5.65
N GLU B 71 6.17 -14.74 6.52
CA GLU B 71 4.80 -14.68 7.04
C GLU B 71 3.80 -14.51 5.90
N SER B 72 4.11 -13.64 4.94
CA SER B 72 3.20 -13.43 3.81
C SER B 72 3.06 -14.68 2.95
N ILE B 73 4.19 -15.31 2.62
CA ILE B 73 4.14 -16.48 1.74
C ILE B 73 3.38 -17.62 2.41
N LYS B 74 3.46 -17.73 3.73
CA LYS B 74 2.74 -18.76 4.45
C LYS B 74 1.25 -18.46 4.63
N GLY B 75 0.81 -17.23 4.38
CA GLY B 75 -0.58 -16.85 4.49
C GLY B 75 -1.34 -16.98 3.19
N ASP B 76 -2.48 -16.30 3.12
CA ASP B 76 -3.42 -16.41 2.01
C ASP B 76 -3.22 -15.36 0.92
N ASN B 77 -2.51 -14.27 1.22
CA ASN B 77 -2.58 -13.11 0.35
C ASN B 77 -1.54 -13.18 -0.78
N LEU B 78 -1.75 -12.36 -1.80
CA LEU B 78 -0.70 -12.16 -2.79
C LEU B 78 0.41 -11.33 -2.17
N THR B 79 1.62 -11.89 -2.12
CA THR B 79 2.78 -11.20 -1.57
C THR B 79 3.32 -10.21 -2.61
N VAL B 80 3.34 -8.92 -2.27
CA VAL B 80 3.88 -7.89 -3.15
C VAL B 80 5.01 -7.19 -2.42
N LEU B 81 6.24 -7.42 -2.88
CA LEU B 81 7.41 -6.76 -2.32
C LEU B 81 7.84 -5.63 -3.23
N VAL B 82 7.94 -4.43 -2.68
CA VAL B 82 8.47 -3.28 -3.40
C VAL B 82 9.87 -3.04 -2.85
N ASN B 83 10.87 -3.33 -3.65
CA ASN B 83 12.26 -3.42 -3.20
C ASN B 83 13.10 -2.33 -3.82
N ASN B 84 13.97 -1.72 -2.99
CA ASN B 84 14.84 -0.68 -3.53
C ASN B 84 15.80 -1.23 -4.59
N THR B 85 16.39 -2.41 -4.34
CA THR B 85 17.31 -3.03 -5.28
C THR B 85 16.95 -4.51 -5.46
N CYS B 86 17.41 -5.08 -6.58
CA CYS B 86 17.24 -6.52 -6.79
C CYS B 86 17.88 -7.32 -5.67
N SER B 87 18.91 -6.77 -5.02
CA SER B 87 19.64 -7.51 -3.99
C SER B 87 18.78 -7.88 -2.80
N VAL B 88 17.68 -7.15 -2.56
CA VAL B 88 16.74 -7.56 -1.51
C VAL B 88 16.30 -9.00 -1.70
N SER B 89 16.26 -9.46 -2.95
CA SER B 89 15.78 -10.79 -3.29
C SER B 89 16.74 -11.90 -2.86
N LEU B 90 17.95 -11.56 -2.45
CA LEU B 90 18.79 -12.56 -1.79
C LEU B 90 18.10 -13.11 -0.56
N ALA B 91 17.23 -12.32 0.09
CA ALA B 91 16.48 -12.79 1.25
C ALA B 91 15.18 -13.48 0.89
N THR B 92 14.53 -13.08 -0.20
CA THR B 92 13.20 -13.59 -0.48
C THR B 92 13.21 -14.84 -1.34
N LEU B 93 14.05 -14.91 -2.36
CA LEU B 93 14.02 -16.06 -3.25
C LEU B 93 14.28 -17.39 -2.55
N PRO B 94 15.15 -17.49 -1.55
CA PRO B 94 15.27 -18.78 -0.85
C PRO B 94 13.99 -19.17 -0.12
N VAL B 95 13.22 -18.20 0.36
CA VAL B 95 11.95 -18.51 0.99
C VAL B 95 10.95 -19.04 -0.03
N VAL B 96 10.88 -18.40 -1.20
CA VAL B 96 9.99 -18.88 -2.26
C VAL B 96 10.30 -20.34 -2.60
N ALA B 97 11.58 -20.65 -2.79
CA ALA B 97 11.97 -21.99 -3.23
C ALA B 97 11.71 -23.02 -2.14
N ARG B 98 11.81 -22.63 -0.87
CA ARG B 98 11.57 -23.57 0.23
C ARG B 98 10.09 -23.87 0.36
N GLU B 99 9.25 -22.84 0.36
CA GLU B 99 7.80 -23.02 0.56
C GLU B 99 7.10 -23.49 -0.70
N HIS B 100 7.64 -23.18 -1.88
CA HIS B 100 7.02 -23.56 -3.15
C HIS B 100 8.09 -24.22 -4.03
N PRO B 101 8.46 -25.46 -3.72
CA PRO B 101 9.57 -26.09 -4.44
C PRO B 101 9.29 -26.33 -5.92
N ASP B 102 8.03 -26.27 -6.33
CA ASP B 102 7.65 -26.42 -7.73
C ASP B 102 7.55 -25.10 -8.46
N ALA B 103 7.71 -23.97 -7.78
CA ALA B 103 7.49 -22.67 -8.41
C ALA B 103 8.56 -22.36 -9.44
N VAL B 104 8.14 -21.70 -10.51
CA VAL B 104 9.06 -21.14 -11.49
C VAL B 104 9.21 -19.65 -11.18
N VAL B 105 10.44 -19.18 -11.10
CA VAL B 105 10.75 -17.78 -10.87
C VAL B 105 10.99 -17.14 -12.22
N LEU B 106 10.16 -16.15 -12.57
CA LEU B 106 10.38 -15.32 -13.75
C LEU B 106 11.22 -14.13 -13.28
N TYR B 107 12.48 -14.09 -13.69
CA TYR B 107 13.40 -13.06 -13.24
C TYR B 107 13.51 -12.12 -14.43
N ILE B 108 12.75 -11.02 -14.37
CA ILE B 108 12.51 -10.15 -15.51
C ILE B 108 13.45 -8.95 -15.36
N ASP B 109 14.47 -8.89 -16.21
CA ASP B 109 15.62 -8.02 -15.95
C ASP B 109 16.36 -7.81 -17.26
N GLY B 110 16.88 -6.60 -17.49
CA GLY B 110 17.75 -6.37 -18.64
C GLY B 110 19.10 -7.05 -18.53
N HIS B 111 19.47 -7.51 -17.34
CA HIS B 111 20.70 -8.20 -17.01
C HIS B 111 20.39 -9.64 -16.59
N GLY B 112 21.44 -10.41 -16.35
CA GLY B 112 21.26 -11.76 -15.85
C GLY B 112 21.29 -11.87 -14.35
N ASP B 113 21.86 -10.86 -13.68
CA ASP B 113 22.09 -10.88 -12.24
C ASP B 113 22.66 -12.23 -11.80
N PHE B 114 23.59 -12.79 -12.57
CA PHE B 114 24.05 -14.15 -12.36
C PHE B 114 25.56 -14.21 -12.17
N ASN B 115 26.20 -13.10 -11.82
CA ASN B 115 27.63 -13.14 -11.56
C ASN B 115 27.91 -13.75 -10.20
N THR B 116 29.13 -14.25 -10.04
CA THR B 116 29.65 -14.73 -8.77
C THR B 116 30.77 -13.80 -8.33
N PRO B 117 31.25 -13.95 -7.09
CA PRO B 117 32.42 -13.16 -6.68
C PRO B 117 33.61 -13.33 -7.61
N GLU B 118 33.74 -14.50 -8.25
CA GLU B 118 34.84 -14.75 -9.17
C GLU B 118 34.63 -14.16 -10.55
N THR B 119 33.38 -13.94 -10.98
CA THR B 119 33.15 -13.40 -12.32
C THR B 119 32.85 -11.91 -12.36
N THR B 120 32.42 -11.31 -11.25
CA THR B 120 32.00 -9.91 -11.30
C THR B 120 33.18 -9.01 -11.62
N ASP B 121 32.99 -8.10 -12.57
CA ASP B 121 33.98 -7.07 -12.90
C ASP B 121 33.71 -5.76 -12.19
N THR B 122 32.53 -5.61 -11.59
CA THR B 122 32.10 -4.39 -10.91
C THR B 122 32.11 -4.50 -9.40
N GLY B 123 32.06 -5.72 -8.87
CA GLY B 123 31.86 -5.90 -7.45
C GLY B 123 30.45 -5.60 -6.97
N TYR B 124 29.50 -5.40 -7.89
CA TYR B 124 28.18 -4.94 -7.51
C TYR B 124 27.28 -6.13 -7.14
N LEU B 125 26.80 -6.13 -5.89
CA LEU B 125 25.94 -7.20 -5.39
C LEU B 125 24.68 -7.36 -6.24
N GLY B 126 24.14 -6.27 -6.77
CA GLY B 126 22.95 -6.34 -7.59
C GLY B 126 23.11 -7.23 -8.81
N GLY B 127 24.34 -7.40 -9.29
CA GLY B 127 24.60 -8.28 -10.41
C GLY B 127 24.84 -9.73 -10.03
N MET B 128 24.60 -10.10 -8.77
CA MET B 128 24.91 -11.42 -8.22
C MET B 128 23.71 -12.06 -7.53
N VAL B 129 22.49 -11.56 -7.78
CA VAL B 129 21.32 -11.93 -7.00
C VAL B 129 20.82 -13.33 -7.36
N LEU B 130 20.54 -13.56 -8.65
CA LEU B 130 19.95 -14.82 -9.04
C LEU B 130 20.92 -15.98 -8.86
N SER B 131 22.20 -15.75 -9.13
CA SER B 131 23.19 -16.80 -8.90
C SER B 131 23.31 -17.11 -7.41
N GLY B 132 23.15 -16.09 -6.56
CA GLY B 132 23.16 -16.34 -5.13
C GLY B 132 21.98 -17.18 -4.68
N ALA B 133 20.78 -16.86 -5.17
CA ALA B 133 19.61 -17.63 -4.78
C ALA B 133 19.70 -19.05 -5.31
N CYS B 134 20.40 -19.25 -6.44
CA CYS B 134 20.54 -20.57 -7.04
C CYS B 134 21.74 -21.34 -6.49
N GLY B 135 22.47 -20.76 -5.54
CA GLY B 135 23.54 -21.47 -4.84
C GLY B 135 24.89 -21.48 -5.51
N LEU B 136 25.08 -20.71 -6.57
CA LEU B 136 26.40 -20.67 -7.20
C LEU B 136 27.43 -20.01 -6.30
N TRP B 137 26.98 -19.17 -5.38
CA TRP B 137 27.82 -18.61 -4.33
C TRP B 137 26.93 -18.44 -3.10
N ASP B 138 27.57 -18.23 -1.95
CA ASP B 138 26.89 -18.24 -0.66
C ASP B 138 26.71 -16.80 -0.17
N SER B 139 25.47 -16.31 -0.24
CA SER B 139 25.16 -14.97 0.22
C SER B 139 25.03 -14.88 1.73
N GLY B 140 24.94 -16.01 2.42
CA GLY B 140 24.60 -16.02 3.82
C GLY B 140 23.12 -15.95 4.12
N HIS B 141 22.26 -15.91 3.10
CA HIS B 141 20.82 -15.81 3.31
C HIS B 141 20.08 -16.95 2.63
N GLY B 142 20.76 -18.06 2.40
CA GLY B 142 20.13 -19.23 1.81
C GLY B 142 20.26 -19.28 0.30
N ALA B 143 19.89 -20.44 -0.23
CA ALA B 143 19.81 -20.65 -1.66
C ALA B 143 18.63 -21.58 -1.93
N GLY B 144 18.85 -22.64 -2.70
CA GLY B 144 17.82 -23.65 -2.90
C GLY B 144 16.88 -23.43 -4.06
N LEU B 145 17.02 -22.33 -4.80
CA LEU B 145 16.26 -22.18 -6.03
C LEU B 145 16.96 -22.99 -7.11
N ARG B 146 16.24 -23.93 -7.71
CA ARG B 146 16.85 -24.72 -8.78
C ARG B 146 16.98 -23.84 -10.02
N PRO B 147 18.17 -23.74 -10.61
CA PRO B 147 18.31 -22.88 -11.80
C PRO B 147 17.41 -23.30 -12.95
N GLU B 148 17.08 -24.59 -13.07
CA GLU B 148 16.18 -25.03 -14.12
C GLU B 148 14.74 -24.60 -13.85
N GLN B 149 14.48 -23.98 -12.70
CA GLN B 149 13.17 -23.38 -12.39
C GLN B 149 13.24 -21.86 -12.40
N ALA B 150 14.35 -21.29 -12.85
CA ALA B 150 14.47 -19.85 -13.06
C ALA B 150 14.49 -19.55 -14.55
N VAL B 151 13.80 -18.49 -14.95
CA VAL B 151 13.73 -18.06 -16.34
C VAL B 151 14.08 -16.59 -16.37
N LEU B 152 15.16 -16.23 -17.06
CA LEU B 152 15.51 -14.83 -17.28
C LEU B 152 14.68 -14.31 -18.45
N VAL B 153 13.94 -13.23 -18.23
CA VAL B 153 13.04 -12.68 -19.22
C VAL B 153 13.47 -11.26 -19.54
N GLY B 154 13.78 -11.00 -20.81
CA GLY B 154 14.21 -9.68 -21.25
C GLY B 154 15.70 -9.42 -21.19
N SER B 155 16.48 -10.36 -20.67
CA SER B 155 17.90 -10.11 -20.46
C SER B 155 18.65 -9.96 -21.76
N ARG B 156 19.58 -9.00 -21.80
CA ARG B 156 20.25 -8.67 -23.04
C ARG B 156 21.64 -8.08 -22.83
N ASP B 157 21.95 -7.61 -21.63
CA ASP B 157 23.29 -7.09 -21.34
C ASP B 157 23.97 -8.07 -20.40
N ILE B 158 24.59 -9.10 -20.99
CA ILE B 158 25.25 -10.18 -20.28
C ILE B 158 26.61 -10.37 -20.95
N ASP B 159 27.68 -10.24 -20.17
CA ASP B 159 29.00 -10.46 -20.73
C ASP B 159 29.37 -11.94 -20.67
N GLU B 160 30.52 -12.28 -21.29
CA GLU B 160 30.83 -13.66 -21.64
C GLU B 160 30.86 -14.58 -20.41
N GLY B 161 31.53 -14.16 -19.33
CA GLY B 161 31.67 -15.03 -18.18
C GLY B 161 30.33 -15.33 -17.54
N GLU B 162 29.47 -14.32 -17.43
CA GLU B 162 28.16 -14.52 -16.85
C GLU B 162 27.28 -15.39 -17.74
N ARG B 163 27.34 -15.18 -19.06
CA ARG B 163 26.56 -16.02 -19.99
C ARG B 163 26.93 -17.48 -19.86
N GLU B 164 28.22 -17.77 -19.63
CA GLU B 164 28.65 -19.15 -19.49
C GLU B 164 28.13 -19.77 -18.19
N LEU B 165 28.06 -18.98 -17.11
CA LEU B 165 27.49 -19.48 -15.87
C LEU B 165 26.00 -19.78 -16.05
N ILE B 166 25.29 -18.87 -16.74
CA ILE B 166 23.87 -19.07 -17.03
C ILE B 166 23.66 -20.33 -17.84
N ARG B 167 24.44 -20.49 -18.91
CA ARG B 167 24.33 -21.68 -19.77
C ARG B 167 24.59 -22.94 -18.97
N LYS B 168 25.71 -22.98 -18.25
CA LYS B 168 26.09 -24.17 -17.51
C LYS B 168 25.06 -24.53 -16.44
N ALA B 169 24.41 -23.53 -15.84
CA ALA B 169 23.46 -23.79 -14.77
C ALA B 169 22.11 -24.25 -15.28
N GLY B 170 21.79 -24.00 -16.54
CA GLY B 170 20.50 -24.38 -17.07
C GLY B 170 19.40 -23.36 -16.89
N VAL B 171 19.75 -22.09 -16.76
CA VAL B 171 18.78 -20.99 -16.66
C VAL B 171 18.38 -20.58 -18.07
N ARG B 172 17.10 -20.72 -18.40
CA ARG B 172 16.61 -20.31 -19.72
C ARG B 172 16.63 -18.79 -19.83
N VAL B 173 16.97 -18.28 -21.02
CA VAL B 173 16.96 -16.84 -21.31
C VAL B 173 15.99 -16.59 -22.45
N ILE B 174 14.99 -15.74 -22.21
CA ILE B 174 14.06 -15.31 -23.24
C ILE B 174 14.33 -13.84 -23.54
N PRO B 175 15.06 -13.52 -24.60
CA PRO B 175 15.42 -12.12 -24.85
C PRO B 175 14.21 -11.32 -25.29
N PRO B 176 14.31 -9.99 -25.31
CA PRO B 176 13.12 -9.16 -25.57
C PRO B 176 12.33 -9.53 -26.83
N GLY B 177 13.00 -9.83 -27.93
CA GLY B 177 12.26 -10.14 -29.15
C GLY B 177 11.46 -11.43 -29.11
N GLU B 178 11.73 -12.29 -28.14
CA GLU B 178 10.98 -13.52 -27.95
C GLU B 178 10.10 -13.47 -26.71
N ALA B 179 10.18 -12.40 -25.94
CA ALA B 179 9.51 -12.36 -24.63
C ALA B 179 8.07 -11.90 -24.80
N THR B 180 7.24 -12.81 -25.29
CA THR B 180 5.80 -12.61 -25.39
C THR B 180 5.09 -13.36 -24.28
N ALA B 181 3.82 -13.00 -24.06
CA ALA B 181 3.02 -13.69 -23.07
C ALA B 181 3.00 -15.20 -23.30
N GLN B 182 2.84 -15.63 -24.55
CA GLN B 182 2.77 -17.06 -24.80
C GLN B 182 4.12 -17.73 -24.59
N ALA B 183 5.22 -17.05 -24.93
CA ALA B 183 6.53 -17.63 -24.66
C ALA B 183 6.73 -17.84 -23.16
N VAL B 184 6.25 -16.90 -22.35
CA VAL B 184 6.37 -17.03 -20.90
C VAL B 184 5.47 -18.14 -20.37
N LEU B 185 4.22 -18.22 -20.87
CA LEU B 185 3.34 -19.30 -20.46
C LEU B 185 3.92 -20.66 -20.81
N ASP B 186 4.56 -20.77 -21.97
CA ASP B 186 5.18 -22.04 -22.35
C ASP B 186 6.28 -22.42 -21.35
N ALA B 187 7.03 -21.43 -20.87
CA ALA B 187 8.13 -21.71 -19.95
C ALA B 187 7.66 -22.13 -18.58
N VAL B 188 6.53 -21.58 -18.11
CA VAL B 188 6.07 -21.88 -16.75
C VAL B 188 5.25 -23.16 -16.69
N LYS B 189 4.62 -23.56 -17.80
CA LYS B 189 3.77 -24.76 -17.86
C LYS B 189 2.66 -24.65 -16.80
N ASP B 190 2.47 -25.66 -15.95
CA ASP B 190 1.43 -25.67 -14.95
C ASP B 190 1.94 -25.28 -13.57
N ALA B 191 3.16 -24.75 -13.47
CA ALA B 191 3.78 -24.48 -12.17
C ALA B 191 3.22 -23.20 -11.54
N PRO B 192 3.27 -23.11 -10.21
CA PRO B 192 3.09 -21.80 -9.56
C PRO B 192 4.22 -20.87 -9.98
N VAL B 193 3.95 -19.56 -9.91
CA VAL B 193 4.83 -18.57 -10.50
C VAL B 193 5.16 -17.47 -9.49
N TRP B 194 6.42 -17.08 -9.42
CA TRP B 194 6.88 -15.90 -8.69
C TRP B 194 7.50 -14.96 -9.72
N ILE B 195 7.07 -13.69 -9.70
CA ILE B 195 7.59 -12.69 -10.64
C ILE B 195 8.51 -11.74 -9.89
N HIS B 196 9.73 -11.59 -10.40
CA HIS B 196 10.68 -10.59 -9.91
C HIS B 196 10.99 -9.68 -11.09
N ILE B 197 10.72 -8.38 -10.97
CA ILE B 197 10.96 -7.47 -12.08
C ILE B 197 11.88 -6.32 -11.67
N ASP B 198 12.96 -6.13 -12.44
CA ASP B 198 13.87 -4.99 -12.38
C ASP B 198 13.47 -4.09 -13.55
N TRP B 199 13.11 -2.85 -13.27
CA TRP B 199 12.55 -2.00 -14.32
C TRP B 199 13.55 -1.67 -15.43
N ASP B 200 14.85 -1.93 -15.24
CA ASP B 200 15.75 -1.77 -16.37
C ASP B 200 15.49 -2.79 -17.48
N VAL B 201 14.57 -3.74 -17.29
CA VAL B 201 14.20 -4.59 -18.40
C VAL B 201 13.50 -3.82 -19.52
N LEU B 202 12.89 -2.68 -19.20
CA LEU B 202 12.10 -1.97 -20.21
C LEU B 202 13.00 -1.25 -21.19
N GLU B 203 12.47 -1.10 -22.39
CA GLU B 203 13.03 -0.15 -23.34
C GLU B 203 13.13 1.22 -22.66
N PRO B 204 14.28 1.89 -22.73
CA PRO B 204 14.44 3.16 -22.02
C PRO B 204 13.39 4.18 -22.44
N GLY B 205 12.97 4.99 -21.46
CA GLY B 205 12.07 6.10 -21.70
C GLY B 205 10.76 6.07 -20.95
N SER B 206 10.47 5.00 -20.21
CA SER B 206 9.24 4.89 -19.42
C SER B 206 9.48 4.96 -17.93
N ILE B 207 10.52 4.31 -17.43
CA ILE B 207 10.80 4.24 -16.00
C ILE B 207 12.30 4.47 -15.82
N PRO B 208 12.74 5.44 -15.03
CA PRO B 208 14.17 5.58 -14.76
C PRO B 208 14.61 4.52 -13.76
N ALA B 209 15.46 3.59 -14.21
CA ALA B 209 16.04 2.62 -13.31
C ALA B 209 17.47 3.06 -12.98
N ASP B 210 18.18 2.22 -12.22
CA ASP B 210 19.59 2.49 -12.00
C ASP B 210 20.36 2.41 -13.31
N TYR B 211 20.22 1.30 -14.01
CA TYR B 211 20.84 1.09 -15.31
C TYR B 211 19.86 1.44 -16.43
N THR B 212 20.41 1.85 -17.56
CA THR B 212 19.65 2.06 -18.78
C THR B 212 20.24 1.16 -19.85
N VAL B 213 19.41 0.26 -20.40
CA VAL B 213 19.87 -0.78 -21.31
C VAL B 213 19.06 -0.72 -22.60
N PRO B 214 19.67 -0.40 -23.75
CA PRO B 214 18.90 -0.25 -24.98
C PRO B 214 18.23 -1.57 -25.41
N ASP B 215 17.19 -1.41 -26.23
CA ASP B 215 16.52 -2.50 -26.93
C ASP B 215 15.82 -3.47 -25.98
N GLY B 216 14.91 -2.93 -25.17
CA GLY B 216 14.28 -3.70 -24.12
C GLY B 216 12.85 -4.09 -24.41
N MET B 217 12.20 -4.62 -23.39
CA MET B 217 10.79 -4.97 -23.49
C MET B 217 9.93 -3.72 -23.41
N LEU B 218 8.81 -3.78 -24.08
CA LEU B 218 7.91 -2.65 -24.06
C LEU B 218 6.82 -2.86 -23.02
N PRO B 219 6.23 -1.77 -22.52
CA PRO B 219 5.18 -1.92 -21.51
C PRO B 219 4.06 -2.86 -21.92
N ALA B 220 3.65 -2.86 -23.20
CA ALA B 220 2.58 -3.76 -23.62
C ALA B 220 2.92 -5.21 -23.33
N GLN B 221 4.19 -5.61 -23.54
CA GLN B 221 4.55 -7.00 -23.33
C GLN B 221 4.65 -7.34 -21.85
N ILE B 222 5.15 -6.41 -21.03
CA ILE B 222 5.18 -6.66 -19.60
C ILE B 222 3.76 -6.80 -19.06
N ARG B 223 2.86 -5.88 -19.46
CA ARG B 223 1.48 -5.98 -19.00
C ARG B 223 0.86 -7.30 -19.43
N ALA B 224 1.15 -7.74 -20.66
CA ALA B 224 0.61 -9.00 -21.16
C ALA B 224 1.09 -10.19 -20.34
N VAL B 225 2.31 -10.12 -19.81
CA VAL B 225 2.78 -11.19 -18.92
C VAL B 225 1.93 -11.24 -17.65
N PHE B 226 1.74 -10.09 -17.01
CA PHE B 226 0.91 -10.06 -15.82
C PHE B 226 -0.53 -10.49 -16.12
N GLU B 227 -1.02 -10.18 -17.32
CA GLU B 227 -2.35 -10.62 -17.73
C GLU B 227 -2.40 -12.14 -17.90
N ALA B 228 -1.30 -12.75 -18.35
CA ALA B 228 -1.33 -14.14 -18.76
C ALA B 228 -1.20 -15.13 -17.61
N ILE B 229 -0.50 -14.77 -16.54
CA ILE B 229 -0.30 -15.71 -15.43
C ILE B 229 -1.63 -15.92 -14.72
N PRO B 230 -2.12 -17.15 -14.60
CA PRO B 230 -3.40 -17.36 -13.89
C PRO B 230 -3.31 -16.91 -12.45
N ALA B 231 -4.37 -16.24 -11.98
CA ALA B 231 -4.38 -15.69 -10.64
C ALA B 231 -4.13 -16.76 -9.59
N GLU B 232 -4.70 -17.96 -9.79
CA GLU B 232 -4.56 -19.03 -8.82
C GLU B 232 -3.14 -19.58 -8.74
N ARG B 233 -2.28 -19.23 -9.69
CA ARG B 233 -0.92 -19.72 -9.72
C ARG B 233 0.12 -18.69 -9.32
N LEU B 234 -0.26 -17.41 -9.24
CA LEU B 234 0.70 -16.36 -8.91
C LEU B 234 0.93 -16.32 -7.40
N ILE B 235 2.16 -16.65 -6.98
CA ILE B 235 2.52 -16.64 -5.57
C ILE B 235 2.78 -15.21 -5.07
N GLY B 236 3.52 -14.44 -5.85
CA GLY B 236 3.94 -13.13 -5.39
C GLY B 236 4.67 -12.42 -6.50
N VAL B 237 4.95 -11.14 -6.23
CA VAL B 237 5.54 -10.22 -7.19
C VAL B 237 6.51 -9.31 -6.44
N GLU B 238 7.73 -9.18 -6.97
CA GLU B 238 8.70 -8.20 -6.48
C GLU B 238 8.89 -7.13 -7.55
N LEU B 239 8.83 -5.86 -7.13
CA LEU B 239 9.04 -4.71 -8.01
C LEU B 239 10.28 -3.99 -7.53
N ALA B 240 11.30 -3.88 -8.40
CA ALA B 240 12.60 -3.38 -7.98
C ALA B 240 13.18 -2.37 -8.95
N GLU B 241 13.91 -1.39 -8.38
CA GLU B 241 14.88 -0.56 -9.09
C GLU B 241 14.25 0.60 -9.86
N LEU B 242 13.20 1.22 -9.31
CA LEU B 242 12.87 2.59 -9.69
C LEU B 242 13.86 3.52 -9.00
N ASN B 243 14.62 4.28 -9.79
CA ASN B 243 15.60 5.22 -9.24
C ASN B 243 15.07 6.63 -9.54
N ALA B 244 14.27 7.19 -8.63
CA ALA B 244 13.72 8.52 -8.86
C ALA B 244 13.35 9.14 -7.52
N PRO B 245 13.62 10.43 -7.30
CA PRO B 245 13.16 11.07 -6.07
C PRO B 245 11.64 10.96 -5.95
N ALA B 246 11.16 10.78 -4.72
CA ALA B 246 9.74 10.47 -4.54
C ALA B 246 8.83 11.61 -4.99
N ASP B 247 9.28 12.85 -4.90
CA ASP B 247 8.48 14.00 -5.27
C ASP B 247 8.72 14.47 -6.71
N SER B 248 9.47 13.72 -7.49
CA SER B 248 9.86 14.18 -8.82
C SER B 248 8.78 13.88 -9.87
N GLU B 249 8.80 14.66 -10.94
CA GLU B 249 7.92 14.40 -12.08
C GLU B 249 8.21 13.03 -12.70
N ARG B 250 9.50 12.68 -12.81
CA ARG B 250 9.81 11.40 -13.42
C ARG B 250 9.31 10.23 -12.59
N ALA B 251 9.28 10.36 -11.26
CA ALA B 251 8.69 9.30 -10.44
C ALA B 251 7.18 9.21 -10.67
N GLU B 252 6.51 10.35 -10.75
CA GLU B 252 5.07 10.34 -11.01
C GLU B 252 4.74 9.63 -12.32
N GLN B 253 5.49 9.94 -13.38
CA GLN B 253 5.24 9.30 -14.66
C GLN B 253 5.59 7.82 -14.60
N ALA B 254 6.67 7.47 -13.90
CA ALA B 254 7.06 6.06 -13.81
C ALA B 254 6.00 5.24 -13.09
N VAL B 255 5.47 5.74 -11.96
CA VAL B 255 4.53 4.90 -11.23
C VAL B 255 3.25 4.70 -12.02
N ALA B 256 2.90 5.63 -12.92
CA ALA B 256 1.73 5.41 -13.76
C ALA B 256 1.94 4.20 -14.66
N VAL B 257 3.17 4.04 -15.17
CA VAL B 257 3.48 2.87 -15.99
C VAL B 257 3.49 1.62 -15.12
N ILE B 258 4.12 1.69 -13.94
CA ILE B 258 4.20 0.52 -13.07
C ILE B 258 2.81 0.01 -12.72
N LEU B 259 1.91 0.91 -12.31
CA LEU B 259 0.57 0.49 -11.91
C LEU B 259 -0.17 -0.14 -13.08
N ASP B 260 0.00 0.41 -14.29
CA ASP B 260 -0.59 -0.18 -15.47
C ASP B 260 -0.06 -1.60 -15.71
N MET B 261 1.25 -1.81 -15.55
CA MET B 261 1.83 -3.12 -15.83
C MET B 261 1.25 -4.18 -14.92
N VAL B 262 1.12 -3.87 -13.63
CA VAL B 262 0.74 -4.87 -12.64
C VAL B 262 -0.76 -5.00 -12.49
N ALA B 263 -1.54 -4.05 -13.02
CA ALA B 263 -2.98 -4.01 -12.80
C ALA B 263 -3.69 -5.33 -13.09
N PRO B 264 -3.40 -6.07 -14.18
CA PRO B 264 -4.14 -7.31 -14.39
C PRO B 264 -4.05 -8.26 -13.21
N ALA B 265 -2.85 -8.38 -12.63
CA ALA B 265 -2.67 -9.27 -11.50
C ALA B 265 -3.18 -8.67 -10.20
N PHE B 266 -2.90 -7.39 -9.96
CA PHE B 266 -3.26 -6.81 -8.67
C PHE B 266 -4.75 -6.52 -8.57
N ASP B 267 -5.40 -6.12 -9.67
CA ASP B 267 -6.86 -5.98 -9.67
C ASP B 267 -7.52 -7.30 -9.31
N ALA B 268 -7.04 -8.41 -9.87
CA ALA B 268 -7.61 -9.71 -9.55
C ALA B 268 -7.46 -10.01 -8.05
N ALA B 269 -6.25 -9.83 -7.52
CA ALA B 269 -6.01 -10.14 -6.12
C ALA B 269 -6.80 -9.22 -5.20
N ALA B 270 -6.97 -7.96 -5.58
CA ALA B 270 -7.71 -7.01 -4.77
C ALA B 270 -9.20 -7.31 -4.73
N ALA B 271 -9.72 -8.05 -5.72
CA ALA B 271 -11.14 -8.40 -5.76
C ALA B 271 -11.43 -9.77 -5.17
N ARG B 272 -10.40 -10.56 -4.85
CA ARG B 272 -10.59 -11.92 -4.37
C ARG B 272 -11.27 -11.92 -3.00
N PRO B 273 -12.08 -12.94 -2.70
CA PRO B 273 -12.79 -13.07 -1.41
C PRO B 273 -11.86 -12.99 -0.21
MN MN C . -7.06 8.12 5.09
MN MN D . -4.91 5.50 5.15
MG MG E . -25.67 13.40 17.79
MN MN F . 18.47 -6.60 -11.42
MN MN G . 19.00 -5.06 -14.33
N ORN H . 26.07 -7.28 -14.95
CA ORN H . 26.43 -6.04 -14.24
CB ORN H . 25.26 -5.08 -14.00
CG ORN H . 24.14 -5.68 -13.16
CD ORN H . 23.31 -4.58 -12.48
NE ORN H . 21.96 -4.92 -12.10
C ORN H . 27.18 -6.29 -12.88
O ORN H . 27.57 -5.28 -12.23
OXT ORN H . 27.37 -7.49 -12.52
#